data_6VKD
#
_entry.id   6VKD
#
_cell.length_a   168.610
_cell.length_b   168.610
_cell.length_c   168.610
_cell.angle_alpha   90.000
_cell.angle_beta   90.000
_cell.angle_gamma   90.000
#
_symmetry.space_group_name_H-M   'P 41 3 2'
#
loop_
_entity.id
_entity.type
_entity.pdbx_description
1 polymer 'Prefusion RSV F (DS-Cav1)'
2 non-polymer 1-cyclopropyl-3-({1-[3-(methylsulfonyl)propyl]-1H-pyrrolo[3,2-c]pyridin-2-yl}methyl)-1,3-dihydro-2H-imidazo[4,5-c]pyridin-2-one
3 non-polymer 'CHLORIDE ION'
4 non-polymer 'SULFATE ION'
5 water water
#
_entity_poly.entity_id   1
_entity_poly.type   'polypeptide(L)'
_entity_poly.pdbx_seq_one_letter_code
;MELLILKANAITTILTAVTFCFASGQNITEEFYQSTCSAVSKGYLSALRTGWYTSVITIELSNIKENKCNGTDAKVKLIK
QELDKYKNAVTELQLLMQSTPATNNRARRELPRFMNYTLNNAKKTNVTLSKKRKRRFLGFLLGVGSAIASGVAVCKVLHL
EGEVNKIKSALLSTNKAVVSLSNGVSVLTFKVLDLKNYIDKQLLPILNKQSCSISNIETVIEFQQKNNRLLEITREFSVN
AGVTTPVSTYMLTNSELLSLINDMPITNDQKKLMSNNVQIVRQQSYSIMCIIKEEVLAYVVQLPLYGVIDTPCWKLHTSP
LCTTNTKEGSNICLTRTDRGWYCDNAGSVSFFPQAETCKVQSNRVFCDTMNSLTLPSEVNLCNVDIFNPKYDCKIMTSKT
DVSSSVITSLGAIVSCYGKTKCTASNKNRGIIKTFSNGCDYVSNKGVDTVSVGNTLYYVNKQEGKSLYVKGEPIINFYDP
LVFPSDEFDASISQVNEKINQSLAFIRKSDELLSAIGGYIPEAPRDGQAYVRKDGEWVLLSTFLGGLVPRGSHHHHHHSA
WSHPQFEK
;
_entity_poly.pdbx_strand_id   F
#
# COMPACT_ATOMS: atom_id res chain seq x y z
N GLN A 26 5.74 15.84 13.06
CA GLN A 26 7.11 16.13 13.48
C GLN A 26 7.82 17.05 12.49
N ASN A 27 9.12 17.20 12.68
CA ASN A 27 9.96 18.03 11.84
C ASN A 27 10.24 17.29 10.53
N ILE A 28 9.70 17.78 9.42
CA ILE A 28 10.06 17.31 8.10
C ILE A 28 11.04 18.30 7.50
N THR A 29 12.19 17.79 7.03
CA THR A 29 13.23 18.63 6.46
C THR A 29 13.70 18.00 5.17
N GLU A 30 14.29 18.82 4.30
CA GLU A 30 14.70 18.39 2.97
C GLU A 30 16.05 18.98 2.62
N GLU A 31 16.84 18.21 1.87
CA GLU A 31 18.13 18.68 1.38
C GLU A 31 18.22 18.36 -0.10
N PHE A 32 18.62 19.34 -0.90
CA PHE A 32 18.82 19.15 -2.33
C PHE A 32 20.30 19.16 -2.66
N TYR A 33 20.74 18.17 -3.42
CA TYR A 33 22.13 17.99 -3.77
C TYR A 33 22.28 18.41 -5.23
N GLN A 34 22.73 19.64 -5.43
CA GLN A 34 22.97 20.15 -6.78
C GLN A 34 23.92 19.27 -7.55
N SER A 35 24.85 18.58 -6.88
CA SER A 35 25.84 17.82 -7.60
C SER A 35 25.24 16.59 -8.27
N THR A 36 24.16 16.04 -7.71
CA THR A 36 23.59 14.80 -8.22
C THR A 36 22.12 14.93 -8.59
N CYS A 37 21.57 16.13 -8.59
CA CYS A 37 20.18 16.34 -9.00
C CYS A 37 19.23 15.44 -8.21
N SER A 38 19.38 15.45 -6.88
CA SER A 38 18.53 14.61 -6.04
C SER A 38 18.24 15.34 -4.74
N ALA A 39 17.22 14.87 -4.03
CA ALA A 39 16.79 15.49 -2.80
C ALA A 39 16.28 14.43 -1.82
N VAL A 40 16.59 14.62 -0.55
CA VAL A 40 16.20 13.67 0.51
C VAL A 40 15.27 14.38 1.47
N SER A 41 14.13 13.75 1.77
CA SER A 41 13.18 14.24 2.75
C SER A 41 13.26 13.37 3.99
N LYS A 42 13.58 13.96 5.14
CA LYS A 42 13.70 13.19 6.36
C LYS A 42 12.78 13.74 7.45
N GLY A 43 12.78 13.04 8.58
CA GLY A 43 11.88 13.33 9.68
C GLY A 43 10.69 12.40 9.77
N TYR A 44 10.58 11.43 8.89
CA TYR A 44 9.47 10.50 8.91
C TYR A 44 9.77 9.34 9.87
N LEU A 45 8.70 8.68 10.29
CA LEU A 45 8.82 7.52 11.17
C LEU A 45 8.10 6.33 10.56
N SER A 46 8.60 5.13 10.84
CA SER A 46 8.21 3.93 10.11
C SER A 46 6.98 3.26 10.72
N ALA A 47 6.24 2.57 9.84
CA ALA A 47 5.26 1.55 10.23
C ALA A 47 5.29 0.52 9.10
N LEU A 48 6.10 -0.51 9.27
CA LEU A 48 6.37 -1.46 8.21
C LEU A 48 5.59 -2.75 8.48
N ARG A 49 4.76 -3.16 7.53
CA ARG A 49 4.15 -4.47 7.66
C ARG A 49 5.22 -5.53 7.48
N THR A 50 5.47 -6.29 8.54
CA THR A 50 6.44 -7.37 8.54
C THR A 50 5.81 -8.75 8.59
N GLY A 51 4.55 -8.86 9.01
CA GLY A 51 3.91 -10.15 9.18
C GLY A 51 2.41 -10.10 8.94
N TRP A 52 1.71 -11.14 9.33
CA TRP A 52 0.28 -11.24 9.08
C TRP A 52 -0.41 -11.85 10.28
N TYR A 53 -1.56 -11.31 10.66
CA TYR A 53 -2.45 -11.95 11.62
C TYR A 53 -3.71 -12.41 10.89
N THR A 54 -4.06 -13.67 11.07
CA THR A 54 -5.23 -14.23 10.40
C THR A 54 -6.34 -14.42 11.42
N SER A 55 -7.49 -13.80 11.16
CA SER A 55 -8.68 -13.98 11.98
C SER A 55 -9.76 -14.62 11.13
N VAL A 56 -10.63 -15.38 11.79
CA VAL A 56 -11.72 -16.08 11.12
C VAL A 56 -13.02 -15.37 11.48
N ILE A 57 -13.58 -14.62 10.52
CA ILE A 57 -14.84 -13.94 10.69
C ILE A 57 -15.95 -14.85 10.20
N THR A 58 -17.05 -14.93 10.96
CA THR A 58 -18.12 -15.85 10.63
C THR A 58 -19.47 -15.15 10.62
N ILE A 59 -20.41 -15.74 9.88
CA ILE A 59 -21.81 -15.35 9.84
C ILE A 59 -22.63 -16.62 9.96
N GLU A 60 -23.46 -16.71 10.99
CA GLU A 60 -24.26 -17.91 11.19
C GLU A 60 -25.49 -17.91 10.29
N LEU A 61 -25.65 -18.97 9.51
CA LEU A 61 -26.72 -19.08 8.53
C LEU A 61 -27.87 -19.91 9.06
N SER A 62 -29.04 -19.72 8.44
CA SER A 62 -30.22 -20.51 8.71
C SER A 62 -30.50 -21.42 7.53
N ASN A 63 -30.93 -22.64 7.81
CA ASN A 63 -31.28 -23.59 6.77
C ASN A 63 -32.80 -23.66 6.64
N ILE A 64 -33.29 -23.43 5.41
CA ILE A 64 -34.72 -23.39 5.15
C ILE A 64 -35.08 -24.34 4.00
N THR A 72 -50.79 -15.68 -0.92
CA THR A 72 -49.91 -14.84 -0.12
C THR A 72 -50.25 -13.36 -0.35
N ASP A 73 -49.89 -12.50 0.62
CA ASP A 73 -50.23 -11.09 0.62
C ASP A 73 -49.01 -10.23 0.26
N ALA A 74 -49.21 -8.92 0.27
CA ALA A 74 -48.21 -7.98 -0.21
C ALA A 74 -46.95 -8.01 0.65
N LYS A 75 -47.12 -7.95 1.97
CA LYS A 75 -45.96 -7.88 2.86
C LYS A 75 -45.22 -9.20 2.97
N VAL A 76 -45.92 -10.34 2.85
CA VAL A 76 -45.24 -11.62 2.89
C VAL A 76 -44.46 -11.85 1.59
N LYS A 77 -45.01 -11.42 0.45
CA LYS A 77 -44.32 -11.58 -0.81
C LYS A 77 -42.97 -10.88 -0.79
N LEU A 78 -42.88 -9.72 -0.13
CA LEU A 78 -41.59 -9.04 0.00
C LEU A 78 -40.65 -9.84 0.89
N ILE A 79 -41.17 -10.50 1.92
CA ILE A 79 -40.33 -11.34 2.76
C ILE A 79 -39.83 -12.53 1.95
N LYS A 80 -40.70 -13.17 1.16
CA LYS A 80 -40.26 -14.27 0.31
C LYS A 80 -39.28 -13.78 -0.76
N GLN A 81 -39.48 -12.56 -1.26
CA GLN A 81 -38.53 -12.00 -2.23
C GLN A 81 -37.17 -11.77 -1.59
N GLU A 82 -37.15 -11.20 -0.37
CA GLU A 82 -35.88 -11.02 0.32
C GLU A 82 -35.27 -12.34 0.72
N LEU A 83 -36.10 -13.31 1.14
CA LEU A 83 -35.58 -14.63 1.49
C LEU A 83 -34.95 -15.31 0.28
N ASP A 84 -35.46 -15.05 -0.93
CA ASP A 84 -34.84 -15.58 -2.13
C ASP A 84 -33.46 -14.98 -2.34
N LYS A 85 -33.32 -13.67 -2.13
CA LYS A 85 -32.00 -13.04 -2.22
C LYS A 85 -31.03 -13.71 -1.26
N TYR A 86 -31.51 -14.11 -0.08
CA TYR A 86 -30.66 -14.77 0.90
C TYR A 86 -30.25 -16.17 0.43
N LYS A 87 -31.23 -16.97 -0.01
CA LYS A 87 -30.92 -18.32 -0.47
C LYS A 87 -29.91 -18.30 -1.62
N ASN A 88 -30.06 -17.37 -2.55
CA ASN A 88 -29.18 -17.35 -3.71
C ASN A 88 -27.81 -16.81 -3.38
N ALA A 89 -27.71 -15.92 -2.38
CA ALA A 89 -26.39 -15.50 -1.93
C ALA A 89 -25.62 -16.68 -1.37
N VAL A 90 -26.31 -17.55 -0.63
CA VAL A 90 -25.66 -18.73 -0.07
C VAL A 90 -25.23 -19.68 -1.18
N THR A 91 -26.13 -19.97 -2.12
CA THR A 91 -25.79 -20.81 -3.26
C THR A 91 -24.62 -20.22 -4.03
N GLU A 92 -24.61 -18.90 -4.21
CA GLU A 92 -23.55 -18.22 -4.93
C GLU A 92 -22.19 -18.47 -4.27
N LEU A 93 -22.11 -18.21 -2.96
CA LEU A 93 -20.86 -18.39 -2.24
C LEU A 93 -20.42 -19.85 -2.21
N GLN A 94 -21.39 -20.78 -2.17
CA GLN A 94 -21.03 -22.19 -2.26
C GLN A 94 -20.41 -22.50 -3.62
N LEU A 95 -20.99 -21.96 -4.70
CA LEU A 95 -20.39 -22.16 -6.02
C LEU A 95 -19.02 -21.52 -6.10
N LEU A 96 -18.81 -20.41 -5.40
CA LEU A 96 -17.57 -19.68 -5.59
C LEU A 96 -16.39 -20.41 -4.94
N MET A 97 -16.64 -21.23 -3.92
CA MET A 97 -15.56 -21.93 -3.21
C MET A 97 -15.25 -23.30 -3.77
N GLN A 98 -15.67 -23.61 -5.00
CA GLN A 98 -15.30 -24.91 -5.55
C GLN A 98 -13.78 -25.06 -5.67
N SER A 99 -13.05 -23.95 -5.72
CA SER A 99 -11.60 -23.98 -5.83
C SER A 99 -10.96 -23.26 -4.65
N THR A 100 -9.70 -23.60 -4.42
CA THR A 100 -8.92 -22.97 -3.35
C THR A 100 -8.52 -21.56 -3.75
N PRO A 101 -8.65 -20.59 -2.85
CA PRO A 101 -8.40 -19.18 -3.23
C PRO A 101 -6.97 -18.93 -3.69
N ALA A 102 -6.81 -17.90 -4.51
CA ALA A 102 -5.51 -17.50 -5.04
C ALA A 102 -5.61 -16.06 -5.53
N THR A 103 -4.44 -15.46 -5.78
CA THR A 103 -4.40 -14.11 -6.35
C THR A 103 -3.07 -13.85 -7.05
N PHE A 137 12.77 3.11 -10.21
CA PHE A 137 13.44 2.51 -11.36
C PHE A 137 13.85 1.07 -11.07
N LEU A 138 14.06 0.75 -9.80
CA LEU A 138 14.70 -0.51 -9.43
C LEU A 138 13.72 -1.58 -8.97
N GLY A 139 12.42 -1.42 -9.26
CA GLY A 139 11.46 -2.44 -8.86
C GLY A 139 11.74 -3.83 -9.40
N PHE A 140 12.40 -3.91 -10.57
CA PHE A 140 12.70 -5.22 -11.15
C PHE A 140 13.61 -6.05 -10.27
N LEU A 141 14.29 -5.44 -9.30
CA LEU A 141 15.17 -6.16 -8.38
C LEU A 141 14.43 -6.89 -7.27
N LEU A 142 13.13 -6.66 -7.10
CA LEU A 142 12.41 -7.25 -5.98
C LEU A 142 12.19 -8.74 -6.19
N GLY A 143 12.05 -9.47 -5.07
CA GLY A 143 11.59 -10.83 -5.10
C GLY A 143 10.10 -10.90 -5.36
N VAL A 144 9.56 -12.10 -5.24
CA VAL A 144 8.15 -12.37 -5.57
C VAL A 144 7.55 -13.20 -4.43
N GLY A 145 6.65 -12.58 -3.66
CA GLY A 145 5.96 -13.26 -2.59
C GLY A 145 4.62 -13.83 -3.02
N SER A 146 3.88 -14.33 -2.03
CA SER A 146 2.54 -14.87 -2.23
C SER A 146 1.71 -14.31 -1.06
N ALA A 147 1.00 -13.21 -1.33
CA ALA A 147 0.52 -12.35 -0.26
C ALA A 147 -0.48 -13.05 0.66
N ILE A 148 -1.37 -13.87 0.11
CA ILE A 148 -2.39 -14.51 0.93
C ILE A 148 -2.02 -15.96 1.27
N ALA A 149 -0.74 -16.30 1.20
CA ALA A 149 -0.32 -17.67 1.52
C ALA A 149 -0.71 -18.04 2.94
N SER A 150 -0.58 -17.10 3.89
CA SER A 150 -0.85 -17.45 5.28
C SER A 150 -2.35 -17.59 5.53
N GLY A 151 -3.15 -16.66 5.02
CA GLY A 151 -4.59 -16.80 5.13
C GLY A 151 -5.13 -18.04 4.43
N VAL A 152 -4.61 -18.33 3.23
CA VAL A 152 -5.01 -19.54 2.53
C VAL A 152 -4.65 -20.78 3.34
N ALA A 153 -3.48 -20.78 3.98
CA ALA A 153 -3.11 -21.92 4.82
C ALA A 153 -4.12 -22.13 5.95
N VAL A 154 -4.48 -21.06 6.66
CA VAL A 154 -5.50 -21.17 7.69
C VAL A 154 -6.81 -21.66 7.07
N CYS A 155 -7.19 -21.10 5.92
CA CYS A 155 -8.45 -21.47 5.32
C CYS A 155 -8.45 -22.94 4.92
N LYS A 156 -7.28 -23.48 4.55
CA LYS A 156 -7.17 -24.90 4.26
C LYS A 156 -7.45 -25.74 5.50
N VAL A 157 -6.98 -25.30 6.66
CA VAL A 157 -7.19 -26.05 7.90
C VAL A 157 -8.67 -26.11 8.26
N LEU A 158 -9.44 -25.10 7.85
CA LEU A 158 -10.84 -25.05 8.25
C LEU A 158 -11.70 -26.07 7.53
N HIS A 159 -11.22 -26.63 6.41
CA HIS A 159 -11.96 -27.66 5.71
C HIS A 159 -11.78 -29.05 6.33
N LEU A 160 -10.77 -29.21 7.18
CA LEU A 160 -10.63 -30.46 7.91
C LEU A 160 -11.87 -30.70 8.75
N GLU A 161 -12.22 -31.97 8.92
CA GLU A 161 -13.48 -32.28 9.58
C GLU A 161 -13.42 -31.88 11.05
N GLY A 162 -14.58 -31.51 11.58
CA GLY A 162 -14.69 -31.09 12.96
C GLY A 162 -14.17 -29.69 13.20
N GLU A 163 -13.28 -29.22 12.33
CA GLU A 163 -12.65 -27.92 12.51
C GLU A 163 -13.69 -26.81 12.51
N VAL A 164 -14.65 -26.86 11.58
CA VAL A 164 -15.71 -25.86 11.55
C VAL A 164 -16.55 -25.95 12.81
N ASN A 165 -16.76 -27.17 13.32
CA ASN A 165 -17.60 -27.32 14.51
C ASN A 165 -16.92 -26.80 15.76
N LYS A 166 -15.59 -26.85 15.82
CA LYS A 166 -14.88 -26.25 16.95
C LYS A 166 -15.20 -24.76 17.08
N ILE A 167 -15.25 -24.06 15.95
CA ILE A 167 -15.55 -22.64 15.96
C ILE A 167 -17.02 -22.40 16.31
N LYS A 168 -17.92 -23.13 15.64
CA LYS A 168 -19.35 -23.01 15.92
C LYS A 168 -19.62 -23.17 17.41
N SER A 169 -18.91 -24.09 18.06
CA SER A 169 -19.07 -24.30 19.49
C SER A 169 -18.48 -23.15 20.30
N ALA A 170 -17.28 -22.69 19.91
CA ALA A 170 -16.57 -21.70 20.70
C ALA A 170 -17.35 -20.39 20.82
N LEU A 171 -18.06 -20.00 19.76
CA LEU A 171 -18.84 -18.77 19.74
C LEU A 171 -20.32 -19.00 20.00
N LEU A 172 -20.67 -20.11 20.65
CA LEU A 172 -22.07 -20.34 20.99
C LEU A 172 -22.57 -19.28 21.95
N SER A 173 -21.82 -19.03 23.02
CA SER A 173 -22.23 -18.11 24.08
C SER A 173 -21.67 -16.70 23.93
N THR A 174 -20.74 -16.48 22.99
CA THR A 174 -20.14 -15.17 22.80
C THR A 174 -19.92 -14.94 21.31
N ASN A 175 -19.52 -13.71 20.96
CA ASN A 175 -19.26 -13.37 19.57
C ASN A 175 -17.77 -13.25 19.26
N LYS A 176 -16.93 -13.10 20.29
CA LYS A 176 -15.49 -13.05 20.12
C LYS A 176 -14.87 -14.20 20.90
N ALA A 177 -13.98 -14.94 20.27
CA ALA A 177 -13.31 -16.05 20.95
C ALA A 177 -12.03 -16.40 20.21
N VAL A 178 -11.06 -16.89 20.96
CA VAL A 178 -9.84 -17.43 20.39
C VAL A 178 -10.01 -18.94 20.28
N VAL A 179 -9.57 -19.52 19.17
CA VAL A 179 -9.63 -20.95 18.96
C VAL A 179 -8.25 -21.44 18.52
N SER A 180 -7.73 -22.44 19.21
CA SER A 180 -6.54 -23.14 18.75
C SER A 180 -6.96 -24.21 17.74
N LEU A 181 -6.54 -24.05 16.49
CA LEU A 181 -6.93 -25.01 15.48
C LEU A 181 -6.02 -26.24 15.54
N SER A 182 -6.36 -27.25 14.74
CA SER A 182 -5.77 -28.58 14.92
C SER A 182 -4.27 -28.59 14.70
N ASN A 183 -3.76 -27.74 13.81
CA ASN A 183 -2.33 -27.69 13.53
C ASN A 183 -1.57 -26.79 14.51
N GLY A 184 -2.24 -26.30 15.54
CA GLY A 184 -1.63 -25.47 16.54
C GLY A 184 -1.88 -23.99 16.39
N VAL A 185 -2.38 -23.54 15.24
CA VAL A 185 -2.56 -22.11 15.01
C VAL A 185 -3.63 -21.57 15.97
N SER A 186 -3.32 -20.43 16.57
CA SER A 186 -4.20 -19.77 17.53
C SER A 186 -4.76 -18.54 16.84
N VAL A 187 -6.06 -18.56 16.51
CA VAL A 187 -6.68 -17.50 15.72
C VAL A 187 -7.86 -16.92 16.50
N LEU A 188 -8.02 -15.60 16.38
CA LEU A 188 -9.19 -14.92 16.90
C LEU A 188 -10.38 -15.21 15.99
N THR A 189 -11.55 -15.41 16.61
CA THR A 189 -12.74 -15.73 15.84
C THR A 189 -13.86 -14.77 16.22
N PHE A 190 -14.68 -14.44 15.24
CA PHE A 190 -15.68 -13.39 15.36
C PHE A 190 -16.95 -13.82 14.64
N LYS A 191 -18.06 -13.82 15.36
CA LYS A 191 -19.39 -13.98 14.76
C LYS A 191 -19.99 -12.58 14.64
N VAL A 192 -20.01 -12.05 13.41
CA VAL A 192 -20.43 -10.66 13.19
C VAL A 192 -21.91 -10.53 12.82
N LEU A 193 -22.59 -11.62 12.47
CA LEU A 193 -24.00 -11.54 12.11
C LEU A 193 -24.63 -12.91 12.31
N ASP A 194 -25.70 -12.96 13.12
CA ASP A 194 -26.41 -14.20 13.41
C ASP A 194 -27.73 -14.16 12.64
N LEU A 195 -27.65 -14.50 11.34
CA LEU A 195 -28.86 -14.63 10.55
C LEU A 195 -29.62 -15.88 10.94
N LYS A 196 -28.91 -16.91 11.38
CA LYS A 196 -29.56 -18.10 11.90
C LYS A 196 -30.64 -17.74 12.91
N ASN A 197 -30.26 -16.97 13.93
CA ASN A 197 -31.20 -16.64 14.99
C ASN A 197 -32.31 -15.73 14.49
N TYR A 198 -31.98 -14.72 13.67
CA TYR A 198 -33.01 -13.80 13.22
C TYR A 198 -34.05 -14.51 12.37
N ILE A 199 -33.60 -15.23 11.34
CA ILE A 199 -34.52 -16.00 10.50
C ILE A 199 -35.27 -17.01 11.34
N ASP A 200 -34.56 -17.70 12.25
CA ASP A 200 -35.18 -18.78 13.04
C ASP A 200 -36.04 -18.28 14.19
N LYS A 201 -36.07 -16.98 14.48
CA LYS A 201 -36.96 -16.52 15.53
C LYS A 201 -38.10 -15.63 15.05
N GLN A 202 -37.92 -14.89 13.96
CA GLN A 202 -38.94 -13.94 13.52
C GLN A 202 -39.57 -14.27 12.18
N LEU A 203 -38.80 -14.83 11.24
CA LEU A 203 -39.39 -15.11 9.93
C LEU A 203 -40.03 -16.48 9.85
N LEU A 204 -39.44 -17.45 10.53
CA LEU A 204 -39.96 -18.81 10.54
C LEU A 204 -41.39 -18.88 11.08
N PRO A 205 -41.71 -18.09 12.12
CA PRO A 205 -43.09 -18.15 12.65
C PRO A 205 -44.10 -17.67 11.63
N ILE A 206 -43.76 -16.62 10.90
CA ILE A 206 -44.65 -16.03 9.90
C ILE A 206 -44.89 -17.01 8.74
N LEU A 207 -43.85 -17.72 8.30
CA LEU A 207 -43.97 -18.54 7.10
C LEU A 207 -44.65 -19.88 7.34
N ASN A 208 -44.72 -20.34 8.59
CA ASN A 208 -45.24 -21.67 8.90
C ASN A 208 -46.50 -21.65 9.74
N LYS A 209 -46.56 -20.82 10.78
CA LYS A 209 -47.66 -20.91 11.74
C LYS A 209 -48.94 -20.32 11.18
N GLN A 210 -48.86 -19.20 10.46
CA GLN A 210 -50.04 -18.58 9.87
C GLN A 210 -50.27 -19.03 8.43
N SER A 211 -49.33 -19.77 7.84
CA SER A 211 -49.34 -20.13 6.42
C SER A 211 -49.26 -18.89 5.54
N CYS A 212 -48.28 -18.03 5.87
CA CYS A 212 -48.00 -16.79 5.15
C CYS A 212 -49.16 -15.79 5.28
N SER A 213 -49.60 -15.55 6.52
CA SER A 213 -50.72 -14.66 6.79
C SER A 213 -50.27 -13.43 7.58
N ILE A 214 -49.98 -13.57 8.87
CA ILE A 214 -49.78 -12.43 9.75
C ILE A 214 -48.35 -11.94 9.64
N SER A 215 -48.19 -10.70 9.17
CA SER A 215 -46.88 -10.08 9.06
C SER A 215 -47.06 -8.57 9.10
N ASN A 216 -45.99 -7.89 9.47
CA ASN A 216 -45.97 -6.44 9.56
C ASN A 216 -44.78 -5.91 8.76
N ILE A 217 -44.93 -4.71 8.20
CA ILE A 217 -43.90 -4.19 7.30
C ILE A 217 -42.64 -3.79 8.03
N GLU A 218 -42.72 -3.54 9.35
CA GLU A 218 -41.52 -3.16 10.09
C GLU A 218 -40.51 -4.29 10.18
N THR A 219 -40.97 -5.54 10.04
CA THR A 219 -40.01 -6.65 9.95
C THR A 219 -39.43 -6.78 8.56
N VAL A 220 -40.22 -6.48 7.52
CA VAL A 220 -39.69 -6.47 6.16
C VAL A 220 -38.53 -5.49 6.06
N ILE A 221 -38.71 -4.28 6.61
CA ILE A 221 -37.63 -3.30 6.66
C ILE A 221 -36.42 -3.88 7.38
N GLU A 222 -36.66 -4.47 8.56
CA GLU A 222 -35.55 -4.94 9.38
C GLU A 222 -34.83 -6.12 8.72
N PHE A 223 -35.59 -7.01 8.07
CA PHE A 223 -34.92 -8.12 7.40
C PHE A 223 -34.04 -7.63 6.26
N GLN A 224 -34.54 -6.70 5.45
CA GLN A 224 -33.70 -6.15 4.39
C GLN A 224 -32.42 -5.55 4.95
N GLN A 225 -32.50 -4.87 6.10
CA GLN A 225 -31.31 -4.32 6.73
C GLN A 225 -30.31 -5.43 7.06
N LYS A 226 -30.76 -6.46 7.79
CA LYS A 226 -29.84 -7.50 8.23
C LYS A 226 -29.31 -8.32 7.07
N ASN A 227 -30.16 -8.63 6.09
CA ASN A 227 -29.74 -9.42 4.95
C ASN A 227 -28.82 -8.64 4.01
N ASN A 228 -28.83 -7.30 4.10
CA ASN A 228 -28.11 -6.48 3.13
C ASN A 228 -26.63 -6.76 3.18
N ARG A 229 -26.08 -6.94 4.39
CA ARG A 229 -24.64 -7.08 4.53
C ARG A 229 -24.18 -8.40 3.90
N LEU A 230 -24.94 -9.49 4.11
CA LEU A 230 -24.66 -10.73 3.41
C LEU A 230 -24.70 -10.54 1.91
N LEU A 231 -25.68 -9.78 1.42
CA LEU A 231 -25.77 -9.56 -0.02
C LEU A 231 -24.57 -8.78 -0.53
N GLU A 232 -24.05 -7.85 0.27
CA GLU A 232 -22.92 -7.04 -0.17
C GLU A 232 -21.60 -7.80 -0.06
N ILE A 233 -21.39 -8.50 1.05
CA ILE A 233 -20.23 -9.38 1.14
C ILE A 233 -20.19 -10.30 -0.06
N THR A 234 -21.33 -10.88 -0.43
CA THR A 234 -21.37 -11.79 -1.58
C THR A 234 -21.09 -11.06 -2.88
N ARG A 235 -21.51 -9.80 -3.01
CA ARG A 235 -21.19 -9.04 -4.21
C ARG A 235 -19.68 -8.85 -4.33
N GLU A 236 -19.04 -8.43 -3.25
CA GLU A 236 -17.59 -8.19 -3.29
C GLU A 236 -16.84 -9.45 -3.68
N PHE A 237 -17.18 -10.58 -3.08
CA PHE A 237 -16.48 -11.81 -3.40
C PHE A 237 -16.75 -12.25 -4.83
N SER A 238 -17.90 -11.85 -5.38
CA SER A 238 -18.27 -12.28 -6.73
C SER A 238 -17.48 -11.55 -7.79
N VAL A 239 -17.24 -10.25 -7.59
CA VAL A 239 -16.41 -9.49 -8.53
C VAL A 239 -14.93 -9.62 -8.25
N ASN A 240 -14.53 -10.37 -7.21
CA ASN A 240 -13.12 -10.47 -6.84
C ASN A 240 -12.62 -11.90 -6.71
N ALA A 241 -13.39 -12.89 -7.15
CA ALA A 241 -12.97 -14.29 -7.07
C ALA A 241 -12.54 -14.66 -5.64
N GLY A 242 -13.35 -14.25 -4.67
CA GLY A 242 -13.19 -14.67 -3.30
C GLY A 242 -12.07 -14.03 -2.50
N VAL A 243 -11.35 -13.06 -3.05
CA VAL A 243 -10.26 -12.41 -2.35
C VAL A 243 -10.38 -10.90 -2.59
N THR A 244 -10.54 -10.14 -1.50
CA THR A 244 -10.73 -8.71 -1.64
C THR A 244 -9.69 -7.96 -0.82
N THR A 245 -9.28 -6.80 -1.34
CA THR A 245 -8.43 -5.83 -0.67
C THR A 245 -8.59 -4.48 -1.34
N PRO A 246 -8.80 -3.39 -0.59
CA PRO A 246 -8.84 -3.34 0.88
C PRO A 246 -10.07 -4.01 1.47
N VAL A 247 -10.06 -4.23 2.79
CA VAL A 247 -11.15 -4.89 3.48
C VAL A 247 -12.23 -3.87 3.78
N SER A 248 -13.38 -4.00 3.12
CA SER A 248 -14.47 -3.04 3.23
C SER A 248 -15.09 -3.06 4.63
N THR A 249 -16.02 -2.14 4.85
CA THR A 249 -16.77 -2.13 6.09
C THR A 249 -17.91 -3.14 6.09
N TYR A 250 -18.19 -3.79 4.95
CA TYR A 250 -19.11 -4.92 4.96
C TYR A 250 -18.43 -6.18 5.47
N MET A 251 -17.17 -6.39 5.07
CA MET A 251 -16.39 -7.50 5.62
C MET A 251 -16.22 -7.32 7.12
N LEU A 252 -15.94 -6.10 7.55
CA LEU A 252 -15.54 -5.81 8.93
C LEU A 252 -15.84 -4.35 9.20
N THR A 253 -16.86 -4.08 10.01
CA THR A 253 -17.21 -2.70 10.29
C THR A 253 -16.11 -2.03 11.10
N ASN A 254 -16.18 -0.69 11.17
CA ASN A 254 -15.20 0.06 11.94
C ASN A 254 -15.18 -0.41 13.39
N SER A 255 -16.36 -0.60 14.00
CA SER A 255 -16.41 -1.08 15.38
C SER A 255 -15.79 -2.46 15.51
N GLU A 256 -16.14 -3.36 14.60
CA GLU A 256 -15.62 -4.72 14.70
C GLU A 256 -14.11 -4.74 14.53
N LEU A 257 -13.58 -3.96 13.58
CA LEU A 257 -12.13 -3.96 13.35
C LEU A 257 -11.38 -3.39 14.55
N LEU A 258 -11.84 -2.26 15.09
CA LEU A 258 -11.24 -1.72 16.30
C LEU A 258 -11.27 -2.74 17.43
N SER A 259 -12.43 -3.36 17.65
CA SER A 259 -12.56 -4.40 18.64
C SER A 259 -11.60 -5.55 18.35
N LEU A 260 -11.51 -5.96 17.08
CA LEU A 260 -10.56 -6.99 16.69
C LEU A 260 -9.13 -6.59 17.02
N ILE A 261 -8.77 -5.34 16.71
CA ILE A 261 -7.42 -4.85 17.00
C ILE A 261 -7.16 -4.87 18.51
N ASN A 262 -8.15 -4.51 19.32
CA ASN A 262 -7.93 -4.46 20.76
C ASN A 262 -7.71 -5.87 21.32
N ASP A 263 -8.48 -6.85 20.84
CA ASP A 263 -8.31 -8.21 21.30
C ASP A 263 -7.14 -8.92 20.63
N MET A 264 -6.45 -8.25 19.72
CA MET A 264 -5.32 -8.84 19.05
C MET A 264 -4.17 -9.07 20.04
N PRO A 265 -3.36 -10.11 19.83
CA PRO A 265 -2.14 -10.31 20.67
C PRO A 265 -0.93 -9.53 20.16
N ILE A 266 -0.93 -8.23 20.42
CA ILE A 266 0.12 -7.33 19.97
C ILE A 266 0.44 -6.34 21.10
N THR A 267 1.41 -5.48 20.83
CA THR A 267 1.83 -4.47 21.79
C THR A 267 0.75 -3.40 21.96
N ASN A 268 0.90 -2.58 23.00
CA ASN A 268 0.04 -1.41 23.13
C ASN A 268 0.37 -0.37 22.08
N ASP A 269 1.63 -0.29 21.66
CA ASP A 269 2.00 0.62 20.59
C ASP A 269 1.35 0.22 19.27
N GLN A 270 1.35 -1.07 18.97
CA GLN A 270 0.72 -1.54 17.73
C GLN A 270 -0.78 -1.30 17.75
N LYS A 271 -1.42 -1.50 18.91
CA LYS A 271 -2.86 -1.29 19.01
C LYS A 271 -3.20 0.18 18.79
N LYS A 272 -2.47 1.09 19.45
CA LYS A 272 -2.69 2.52 19.25
C LYS A 272 -2.43 2.90 17.80
N LEU A 273 -1.32 2.43 17.24
CA LEU A 273 -0.97 2.75 15.86
C LEU A 273 -2.03 2.24 14.90
N MET A 274 -2.53 1.02 15.11
CA MET A 274 -3.52 0.48 14.20
C MET A 274 -4.86 1.19 14.35
N SER A 275 -5.27 1.48 15.58
CA SER A 275 -6.55 2.11 15.81
C SER A 275 -6.60 3.53 15.26
N ASN A 276 -5.48 4.23 15.30
CA ASN A 276 -5.42 5.59 14.77
C ASN A 276 -5.18 5.62 13.28
N ASN A 277 -5.14 4.47 12.62
CA ASN A 277 -4.93 4.43 11.18
C ASN A 277 -5.71 3.27 10.59
N VAL A 278 -6.97 3.15 11.01
CA VAL A 278 -7.84 2.07 10.54
C VAL A 278 -7.88 2.04 9.02
N GLN A 279 -7.90 3.21 8.38
CA GLN A 279 -8.00 3.26 6.93
C GLN A 279 -6.79 2.65 6.26
N ILE A 280 -5.60 2.81 6.84
CA ILE A 280 -4.41 2.18 6.26
C ILE A 280 -4.41 0.69 6.54
N VAL A 281 -4.82 0.29 7.75
CA VAL A 281 -4.92 -1.12 8.07
C VAL A 281 -5.82 -1.82 7.07
N ARG A 282 -6.93 -1.18 6.71
CA ARG A 282 -7.86 -1.77 5.74
C ARG A 282 -7.19 -1.97 4.40
N GLN A 283 -6.42 -0.99 3.94
CA GLN A 283 -5.78 -1.10 2.64
C GLN A 283 -4.71 -2.16 2.60
N GLN A 284 -4.12 -2.50 3.75
CA GLN A 284 -3.08 -3.50 3.82
C GLN A 284 -3.61 -4.86 4.28
N SER A 285 -4.92 -5.04 4.26
CA SER A 285 -5.53 -6.28 4.71
C SER A 285 -6.17 -7.01 3.53
N TYR A 286 -6.44 -8.30 3.72
CA TYR A 286 -7.13 -9.13 2.74
C TYR A 286 -8.32 -9.83 3.39
N SER A 287 -9.39 -9.96 2.63
CA SER A 287 -10.53 -10.80 3.01
C SER A 287 -10.55 -11.99 2.07
N ILE A 288 -10.40 -13.18 2.62
CA ILE A 288 -10.32 -14.41 1.83
C ILE A 288 -11.56 -15.25 2.14
N MET A 289 -12.43 -15.40 1.14
CA MET A 289 -13.62 -16.22 1.31
C MET A 289 -13.23 -17.68 1.42
N CYS A 290 -13.74 -18.33 2.47
CA CYS A 290 -13.15 -19.58 2.93
C CYS A 290 -14.11 -20.76 2.80
N ILE A 291 -15.16 -20.83 3.62
CA ILE A 291 -15.93 -22.05 3.74
C ILE A 291 -17.36 -21.72 4.12
N ILE A 292 -18.29 -22.54 3.63
CA ILE A 292 -19.68 -22.57 4.08
C ILE A 292 -19.98 -24.02 4.46
N LYS A 293 -20.18 -24.28 5.74
CA LYS A 293 -20.35 -25.63 6.24
C LYS A 293 -21.10 -25.59 7.55
N GLU A 294 -22.15 -26.40 7.67
CA GLU A 294 -22.90 -26.55 8.92
C GLU A 294 -23.48 -25.22 9.38
N GLU A 295 -24.19 -24.55 8.48
CA GLU A 295 -24.86 -23.27 8.74
C GLU A 295 -23.89 -22.19 9.21
N VAL A 296 -22.60 -22.34 8.92
CA VAL A 296 -21.59 -21.35 9.27
C VAL A 296 -20.92 -20.88 8.00
N LEU A 297 -20.98 -19.57 7.75
CA LEU A 297 -20.20 -18.94 6.70
C LEU A 297 -18.97 -18.31 7.33
N ALA A 298 -17.79 -18.60 6.78
CA ALA A 298 -16.56 -18.13 7.37
C ALA A 298 -15.60 -17.64 6.30
N TYR A 299 -15.06 -16.44 6.49
CA TYR A 299 -13.98 -15.93 5.65
C TYR A 299 -12.84 -15.47 6.55
N VAL A 300 -11.64 -15.61 6.05
CA VAL A 300 -10.44 -15.24 6.79
C VAL A 300 -10.09 -13.80 6.47
N VAL A 301 -9.88 -12.99 7.51
CA VAL A 301 -9.37 -11.63 7.33
C VAL A 301 -7.91 -11.63 7.75
N GLN A 302 -7.05 -11.24 6.82
CA GLN A 302 -5.60 -11.25 7.00
C GLN A 302 -5.17 -9.82 7.30
N LEU A 303 -4.72 -9.58 8.53
CA LEU A 303 -4.40 -8.23 8.96
C LEU A 303 -2.89 -8.02 9.06
N PRO A 304 -2.41 -6.80 8.82
CA PRO A 304 -0.95 -6.56 8.85
C PRO A 304 -0.41 -6.58 10.27
N LEU A 305 0.78 -7.14 10.42
CA LEU A 305 1.58 -7.04 11.63
C LEU A 305 2.68 -6.02 11.40
N TYR A 306 2.70 -4.97 12.21
CA TYR A 306 3.71 -3.91 12.08
C TYR A 306 4.81 -4.19 13.10
N GLY A 307 5.80 -5.00 12.69
CA GLY A 307 6.92 -5.35 13.56
C GLY A 307 8.04 -4.33 13.60
N VAL A 308 7.99 -3.31 12.75
CA VAL A 308 8.95 -2.22 12.76
C VAL A 308 8.17 -0.93 12.87
N ILE A 309 8.39 -0.20 13.95
CA ILE A 309 7.62 1.00 14.23
C ILE A 309 8.56 2.07 14.75
N ASP A 310 8.39 3.30 14.25
CA ASP A 310 9.03 4.50 14.78
C ASP A 310 10.54 4.53 14.52
N THR A 311 11.02 3.82 13.51
CA THR A 311 12.39 4.03 13.07
C THR A 311 12.43 5.15 12.02
N PRO A 312 13.58 5.80 11.86
CA PRO A 312 13.67 6.89 10.87
C PRO A 312 13.44 6.42 9.44
N CYS A 313 12.70 7.22 8.69
CA CYS A 313 12.52 6.99 7.27
C CYS A 313 12.86 8.26 6.50
N TRP A 314 13.27 8.09 5.25
CA TRP A 314 13.52 9.24 4.40
C TRP A 314 13.20 8.87 2.96
N LYS A 315 12.81 9.88 2.18
CA LYS A 315 12.40 9.70 0.79
C LYS A 315 13.43 10.35 -0.12
N LEU A 316 14.01 9.55 -1.02
CA LEU A 316 15.00 10.02 -1.98
C LEU A 316 14.31 10.31 -3.32
N HIS A 317 14.38 11.57 -3.76
CA HIS A 317 13.88 11.97 -5.07
C HIS A 317 15.07 12.23 -5.99
N THR A 318 15.02 11.69 -7.21
CA THR A 318 16.07 11.90 -8.19
C THR A 318 15.48 12.34 -9.53
N SER A 319 16.31 13.02 -10.32
CA SER A 319 15.90 13.59 -11.59
C SER A 319 17.12 13.61 -12.51
N PRO A 320 16.92 13.65 -13.82
CA PRO A 320 18.07 13.55 -14.74
C PRO A 320 19.00 14.75 -14.69
N LEU A 321 20.29 14.47 -14.66
CA LEU A 321 21.35 15.47 -14.66
C LEU A 321 22.09 15.36 -15.99
N CYS A 322 22.01 16.42 -16.82
CA CYS A 322 22.59 16.39 -18.16
C CYS A 322 23.52 17.58 -18.33
N THR A 323 24.47 17.44 -19.25
CA THR A 323 25.17 18.61 -19.72
C THR A 323 24.25 19.45 -20.59
N THR A 324 24.63 20.71 -20.76
CA THR A 324 23.75 21.71 -21.36
C THR A 324 24.42 22.37 -22.55
N ASN A 325 25.11 21.59 -23.37
CA ASN A 325 25.76 22.16 -24.54
C ASN A 325 24.73 22.59 -25.58
N THR A 326 25.15 23.50 -26.45
CA THR A 326 24.25 24.07 -27.45
C THR A 326 23.88 23.05 -28.52
N LYS A 327 24.88 22.46 -29.17
CA LYS A 327 24.67 21.48 -30.22
C LYS A 327 23.86 20.31 -29.71
N GLU A 328 22.60 20.19 -30.13
CA GLU A 328 21.75 19.13 -29.58
C GLU A 328 22.23 17.76 -30.04
N GLY A 329 22.02 16.76 -29.17
CA GLY A 329 22.56 15.45 -29.37
C GLY A 329 23.95 15.22 -28.82
N SER A 330 24.68 16.29 -28.49
CA SER A 330 26.02 16.17 -27.94
C SER A 330 26.04 16.09 -26.41
N ASN A 331 24.88 15.98 -25.78
CA ASN A 331 24.79 16.02 -24.34
C ASN A 331 24.74 14.61 -23.76
N ILE A 332 25.24 14.47 -22.53
CA ILE A 332 25.22 13.22 -21.81
C ILE A 332 24.45 13.43 -20.52
N CYS A 333 23.68 12.41 -20.11
CA CYS A 333 22.84 12.49 -18.94
C CYS A 333 23.15 11.35 -17.98
N LEU A 334 22.76 11.58 -16.74
CA LEU A 334 22.99 10.66 -15.65
C LEU A 334 21.86 10.85 -14.66
N THR A 335 21.31 9.74 -14.14
CA THR A 335 20.21 9.80 -13.18
C THR A 335 20.46 8.79 -12.07
N ARG A 336 20.45 9.26 -10.82
CA ARG A 336 20.45 8.33 -9.71
C ARG A 336 19.19 7.47 -9.75
N THR A 337 19.39 6.16 -9.71
CA THR A 337 18.29 5.22 -9.87
C THR A 337 17.78 4.69 -8.54
N ASP A 338 18.42 5.04 -7.43
CA ASP A 338 18.05 4.52 -6.12
C ASP A 338 16.94 5.33 -5.45
N ARG A 339 16.09 5.98 -6.23
CA ARG A 339 14.99 6.73 -5.63
C ARG A 339 13.91 5.82 -5.07
N GLY A 340 13.24 6.30 -4.03
CA GLY A 340 12.25 5.55 -3.30
C GLY A 340 12.32 5.87 -1.82
N TRP A 341 11.58 5.08 -1.03
CA TRP A 341 11.55 5.23 0.41
C TRP A 341 12.62 4.36 1.06
N TYR A 342 13.25 4.91 2.09
CA TYR A 342 14.24 4.21 2.91
C TYR A 342 13.81 4.28 4.37
N CYS A 343 13.89 3.16 5.08
CA CYS A 343 13.65 3.14 6.52
C CYS A 343 14.72 2.32 7.20
N ASP A 344 15.30 2.87 8.26
CA ASP A 344 16.15 2.09 9.15
C ASP A 344 15.38 0.88 9.67
N ASN A 345 16.00 -0.30 9.59
CA ASN A 345 15.31 -1.52 9.97
C ASN A 345 16.35 -2.56 10.35
N ALA A 346 16.52 -2.78 11.65
CA ALA A 346 17.24 -3.94 12.19
C ALA A 346 18.72 -3.93 11.81
N GLY A 347 19.34 -2.75 11.82
CA GLY A 347 20.74 -2.63 11.47
C GLY A 347 21.00 -2.50 10.00
N SER A 348 20.01 -2.72 9.16
CA SER A 348 20.10 -2.49 7.74
C SER A 348 19.11 -1.39 7.36
N VAL A 349 18.92 -1.19 6.07
CA VAL A 349 17.96 -0.23 5.58
C VAL A 349 17.00 -0.96 4.66
N SER A 350 15.71 -0.77 4.91
CA SER A 350 14.68 -1.31 4.04
C SER A 350 14.42 -0.29 2.94
N PHE A 351 14.67 -0.69 1.68
CA PHE A 351 14.57 0.18 0.53
C PHE A 351 13.35 -0.21 -0.28
N PHE A 352 12.47 0.76 -0.52
CA PHE A 352 11.23 0.52 -1.26
C PHE A 352 11.33 1.26 -2.60
N PRO A 353 11.73 0.57 -3.68
CA PRO A 353 11.98 1.30 -4.94
C PRO A 353 10.74 1.90 -5.57
N GLN A 354 9.55 1.36 -5.33
CA GLN A 354 8.30 1.94 -5.84
C GLN A 354 7.63 2.69 -4.68
N ALA A 355 8.01 3.95 -4.48
CA ALA A 355 7.53 4.79 -3.38
C ALA A 355 6.00 4.88 -3.33
N GLU A 356 5.31 4.48 -4.40
CA GLU A 356 3.86 4.38 -4.43
C GLU A 356 3.33 3.16 -3.70
N THR A 357 4.20 2.24 -3.26
CA THR A 357 3.78 1.17 -2.38
C THR A 357 3.65 1.63 -0.94
N CYS A 358 4.27 2.76 -0.58
CA CYS A 358 4.21 3.29 0.77
C CYS A 358 3.13 4.36 0.87
N LYS A 359 2.43 4.37 2.01
CA LYS A 359 1.40 5.35 2.28
C LYS A 359 1.87 6.25 3.41
N VAL A 360 1.75 7.57 3.21
CA VAL A 360 2.23 8.56 4.16
C VAL A 360 1.05 9.20 4.85
N GLN A 361 1.05 9.18 6.19
CA GLN A 361 0.05 9.85 6.98
C GLN A 361 0.77 10.77 7.96
N SER A 362 0.68 12.08 7.71
CA SER A 362 1.47 13.10 8.40
C SER A 362 2.96 12.80 8.24
N ASN A 363 3.64 12.43 9.33
CA ASN A 363 5.04 12.06 9.27
C ASN A 363 5.25 10.57 9.49
N ARG A 364 4.19 9.78 9.43
CA ARG A 364 4.28 8.33 9.54
C ARG A 364 4.15 7.72 8.15
N VAL A 365 5.00 6.76 7.83
CA VAL A 365 4.99 6.17 6.51
C VAL A 365 4.79 4.66 6.64
N PHE A 366 3.72 4.17 6.02
CA PHE A 366 3.34 2.76 6.06
C PHE A 366 3.85 2.09 4.80
N CYS A 367 4.68 1.07 4.98
CA CYS A 367 5.20 0.31 3.84
C CYS A 367 5.05 -1.17 4.13
N ASP A 368 5.29 -1.97 3.10
CA ASP A 368 5.19 -3.42 3.15
C ASP A 368 6.56 -3.99 2.81
N THR A 369 7.16 -4.74 3.74
CA THR A 369 8.50 -5.26 3.50
C THR A 369 8.55 -6.20 2.30
N MET A 370 7.40 -6.73 1.86
CA MET A 370 7.38 -7.59 0.67
C MET A 370 7.84 -6.86 -0.58
N ASN A 371 7.73 -5.53 -0.60
CA ASN A 371 8.16 -4.72 -1.74
C ASN A 371 9.44 -3.96 -1.42
N SER A 372 10.31 -4.56 -0.64
CA SER A 372 11.54 -3.90 -0.24
C SER A 372 12.75 -4.77 -0.58
N LEU A 373 13.88 -4.11 -0.71
CA LEU A 373 15.19 -4.72 -0.62
C LEU A 373 15.80 -4.37 0.73
N THR A 374 16.58 -5.28 1.26
CA THR A 374 17.34 -5.04 2.49
C THR A 374 18.77 -4.68 2.09
N LEU A 375 19.16 -3.44 2.33
CA LEU A 375 20.45 -2.92 1.91
C LEU A 375 21.34 -2.59 3.09
N PRO A 376 22.66 -2.55 2.88
CA PRO A 376 23.55 -2.05 3.94
C PRO A 376 23.26 -0.59 4.20
N SER A 377 23.40 -0.17 5.45
CA SER A 377 23.06 1.20 5.79
C SER A 377 23.95 2.19 5.05
N GLU A 378 25.14 1.76 4.63
CA GLU A 378 26.04 2.62 3.86
C GLU A 378 25.40 3.14 2.57
N VAL A 379 24.26 2.59 2.15
CA VAL A 379 23.58 3.14 0.99
C VAL A 379 23.22 4.60 1.22
N ASN A 380 23.18 5.04 2.47
CA ASN A 380 22.85 6.43 2.74
C ASN A 380 23.97 7.37 2.30
N LEU A 381 25.21 6.89 2.27
CA LEU A 381 26.34 7.75 1.91
C LEU A 381 26.22 8.30 0.50
N CYS A 382 25.41 7.68 -0.36
CA CYS A 382 25.27 8.15 -1.73
C CYS A 382 24.69 9.55 -1.81
N ASN A 383 24.03 10.00 -0.74
CA ASN A 383 23.37 11.30 -0.79
C ASN A 383 24.36 12.43 -0.54
N VAL A 384 25.31 12.23 0.35
CA VAL A 384 26.30 13.26 0.61
C VAL A 384 27.51 13.10 -0.30
N ASP A 385 27.89 11.86 -0.61
CA ASP A 385 29.08 11.61 -1.44
C ASP A 385 28.81 10.43 -2.37
N ILE A 386 28.36 10.73 -3.59
CA ILE A 386 28.10 9.67 -4.56
C ILE A 386 29.36 8.91 -4.95
N PHE A 387 30.54 9.47 -4.72
CA PHE A 387 31.78 8.76 -5.02
C PHE A 387 32.35 8.05 -3.80
N ASN A 388 31.56 7.88 -2.74
CA ASN A 388 32.06 7.29 -1.51
C ASN A 388 32.58 5.87 -1.74
N PRO A 389 33.58 5.44 -0.98
CA PRO A 389 34.23 4.15 -1.23
C PRO A 389 33.57 2.94 -0.57
N LYS A 390 32.44 3.10 0.13
CA LYS A 390 31.84 2.01 0.87
C LYS A 390 30.59 1.43 0.23
N TYR A 391 29.87 2.22 -0.55
CA TYR A 391 28.72 1.72 -1.29
C TYR A 391 28.83 2.23 -2.72
N ASP A 392 28.55 1.34 -3.68
CA ASP A 392 28.67 1.67 -5.09
C ASP A 392 27.33 2.20 -5.57
N CYS A 393 27.23 3.51 -5.69
CA CYS A 393 25.94 4.16 -5.89
C CYS A 393 25.38 3.86 -7.27
N LYS A 394 24.09 3.55 -7.31
CA LYS A 394 23.47 3.14 -8.56
C LYS A 394 23.05 4.36 -9.35
N ILE A 395 23.32 4.33 -10.65
CA ILE A 395 22.93 5.38 -11.58
C ILE A 395 22.54 4.72 -12.89
N MET A 396 21.89 5.50 -13.75
CA MET A 396 21.68 5.16 -15.14
C MET A 396 22.19 6.30 -16.00
N THR A 397 22.64 5.98 -17.21
CA THR A 397 23.17 6.95 -18.15
C THR A 397 22.34 6.99 -19.41
N SER A 398 22.30 8.15 -20.06
CA SER A 398 21.65 8.27 -21.37
C SER A 398 22.13 9.55 -22.06
N LYS A 399 21.63 9.76 -23.27
CA LYS A 399 21.81 11.02 -24.00
C LYS A 399 20.48 11.69 -24.29
N THR A 400 19.43 11.32 -23.56
CA THR A 400 18.08 11.87 -23.74
C THR A 400 17.91 13.00 -22.74
N ASP A 401 18.18 14.23 -23.16
CA ASP A 401 18.07 15.38 -22.27
C ASP A 401 16.71 16.04 -22.44
N VAL A 402 15.68 15.38 -21.92
CA VAL A 402 14.33 15.93 -21.92
C VAL A 402 14.06 16.62 -20.60
N SER A 403 13.24 17.66 -20.63
CA SER A 403 12.94 18.43 -19.45
C SER A 403 11.82 17.79 -18.63
N SER A 404 11.90 17.95 -17.32
CA SER A 404 10.87 17.45 -16.42
C SER A 404 11.11 18.00 -15.03
N SER A 405 10.14 17.80 -14.15
CA SER A 405 10.24 18.17 -12.75
C SER A 405 9.82 17.01 -11.88
N VAL A 406 10.42 16.94 -10.69
CA VAL A 406 10.04 16.01 -9.64
C VAL A 406 9.57 16.84 -8.45
N ILE A 407 8.30 16.69 -8.09
CA ILE A 407 7.77 17.36 -6.91
C ILE A 407 8.18 16.58 -5.67
N THR A 408 8.93 17.21 -4.78
CA THR A 408 9.42 16.55 -3.58
C THR A 408 8.45 16.79 -2.43
N SER A 409 8.89 16.45 -1.21
CA SER A 409 8.04 16.69 -0.04
C SER A 409 7.93 18.18 0.26
N LEU A 410 9.02 18.92 0.07
CA LEU A 410 9.08 20.30 0.52
C LEU A 410 9.50 21.27 -0.59
N GLY A 411 9.54 20.82 -1.84
CA GLY A 411 9.97 21.69 -2.92
C GLY A 411 9.83 21.01 -4.26
N ALA A 412 10.69 21.36 -5.20
CA ALA A 412 10.59 20.82 -6.55
C ALA A 412 11.96 20.82 -7.20
N ILE A 413 12.34 19.67 -7.76
CA ILE A 413 13.54 19.54 -8.58
C ILE A 413 13.15 19.79 -10.01
N VAL A 414 13.94 20.59 -10.72
CA VAL A 414 13.65 20.91 -12.11
C VAL A 414 14.85 20.50 -12.95
N SER A 415 14.62 19.56 -13.87
CA SER A 415 15.59 19.20 -14.89
C SER A 415 15.16 19.93 -16.16
N CYS A 416 15.84 21.02 -16.48
CA CYS A 416 15.47 21.89 -17.59
C CYS A 416 16.56 21.85 -18.64
N TYR A 417 16.21 21.43 -19.86
CA TYR A 417 17.17 21.29 -20.93
C TYR A 417 16.56 21.75 -22.25
N GLY A 418 17.44 22.05 -23.21
CA GLY A 418 16.96 22.38 -24.55
C GLY A 418 16.27 23.72 -24.59
N LYS A 419 15.14 23.78 -25.30
CA LYS A 419 14.38 25.00 -25.48
C LYS A 419 13.19 25.10 -24.53
N THR A 420 13.23 24.41 -23.41
CA THR A 420 12.06 24.34 -22.54
C THR A 420 11.95 25.55 -21.64
N LYS A 421 10.74 26.06 -21.48
CA LYS A 421 10.46 27.11 -20.52
C LYS A 421 10.22 26.46 -19.17
N CYS A 422 11.01 26.83 -18.18
CA CYS A 422 10.87 26.26 -16.84
C CYS A 422 10.82 27.39 -15.82
N THR A 423 9.72 27.47 -15.08
CA THR A 423 9.55 28.56 -14.12
C THR A 423 8.92 28.05 -12.83
N ALA A 424 8.99 28.90 -11.81
CA ALA A 424 8.30 28.68 -10.54
C ALA A 424 7.45 29.90 -10.25
N SER A 425 6.21 29.67 -9.82
CA SER A 425 5.28 30.76 -9.62
C SER A 425 4.69 30.75 -8.22
N ASN A 426 4.08 31.87 -7.89
CA ASN A 426 3.35 32.08 -6.64
C ASN A 426 1.89 32.35 -6.98
N LYS A 427 1.01 32.13 -5.99
CA LYS A 427 -0.44 32.22 -6.24
C LYS A 427 -0.82 33.60 -6.77
N ASN A 428 -0.37 34.67 -6.12
CA ASN A 428 -0.88 35.99 -6.48
C ASN A 428 0.00 36.73 -7.47
N ARG A 429 1.31 36.45 -7.51
CA ARG A 429 2.25 37.26 -8.29
C ARG A 429 2.83 36.57 -9.52
N GLY A 430 2.44 35.33 -9.80
CA GLY A 430 2.94 34.70 -11.01
C GLY A 430 4.41 34.37 -10.91
N ILE A 431 5.10 34.50 -12.04
CA ILE A 431 6.46 33.99 -12.18
C ILE A 431 7.41 34.74 -11.25
N ILE A 432 8.12 33.99 -10.41
CA ILE A 432 9.14 34.57 -9.54
C ILE A 432 10.53 34.05 -9.85
N LYS A 433 10.67 32.95 -10.58
CA LYS A 433 11.99 32.45 -10.93
C LYS A 433 11.90 31.75 -12.29
N THR A 434 12.87 32.04 -13.15
CA THR A 434 13.02 31.34 -14.42
C THR A 434 14.29 30.51 -14.34
N PHE A 435 14.15 29.20 -14.50
CA PHE A 435 15.30 28.32 -14.43
C PHE A 435 16.12 28.39 -15.71
N SER A 436 17.44 28.34 -15.56
CA SER A 436 18.29 28.12 -16.71
C SER A 436 18.49 26.62 -16.92
N ASN A 437 19.13 26.27 -18.03
CA ASN A 437 19.34 24.86 -18.34
C ASN A 437 20.24 24.22 -17.30
N GLY A 438 19.91 23.01 -16.90
CA GLY A 438 20.58 22.29 -15.86
C GLY A 438 19.58 21.70 -14.90
N CYS A 439 20.06 21.21 -13.77
CA CYS A 439 19.19 20.65 -12.75
C CYS A 439 19.21 21.59 -11.55
N ASP A 440 18.04 22.06 -11.15
CA ASP A 440 17.92 23.06 -10.12
C ASP A 440 16.77 22.65 -9.19
N TYR A 441 16.52 23.49 -8.19
CA TYR A 441 15.59 23.13 -7.14
C TYR A 441 15.03 24.41 -6.56
N VAL A 442 13.79 24.34 -6.10
CA VAL A 442 13.16 25.46 -5.41
C VAL A 442 12.31 24.89 -4.29
N SER A 443 12.26 25.60 -3.18
CA SER A 443 11.52 25.10 -2.02
C SER A 443 10.08 25.64 -2.03
N ASN A 444 9.20 24.92 -1.35
CA ASN A 444 7.78 25.23 -1.40
C ASN A 444 7.41 26.46 -0.58
N LYS A 445 8.38 27.12 0.05
CA LYS A 445 8.12 28.37 0.76
C LYS A 445 8.05 29.50 -0.24
N GLY A 446 6.88 30.12 -0.35
CA GLY A 446 6.68 31.17 -1.33
C GLY A 446 6.42 30.71 -2.75
N VAL A 447 6.50 29.40 -3.03
CA VAL A 447 6.20 28.85 -4.34
C VAL A 447 4.95 27.98 -4.24
N ASP A 448 4.05 28.13 -5.21
CA ASP A 448 2.86 27.30 -5.30
C ASP A 448 2.84 26.38 -6.50
N THR A 449 3.39 26.82 -7.63
CA THR A 449 3.41 25.98 -8.81
C THR A 449 4.77 26.07 -9.47
N VAL A 450 5.07 25.04 -10.24
CA VAL A 450 6.26 24.95 -11.07
C VAL A 450 5.80 24.55 -12.47
N SER A 451 6.43 25.11 -13.50
CA SER A 451 6.04 24.83 -14.87
C SER A 451 7.25 24.38 -15.67
N VAL A 452 7.17 23.20 -16.27
CA VAL A 452 8.21 22.69 -17.16
C VAL A 452 7.55 22.39 -18.50
N GLY A 453 7.82 23.22 -19.49
CA GLY A 453 7.16 23.03 -20.78
C GLY A 453 5.68 23.29 -20.63
N ASN A 454 4.86 22.37 -21.14
CA ASN A 454 3.41 22.48 -21.09
C ASN A 454 2.81 21.87 -19.84
N THR A 455 3.62 21.49 -18.87
CA THR A 455 3.16 20.75 -17.69
C THR A 455 3.23 21.65 -16.46
N LEU A 456 2.09 21.89 -15.83
CA LEU A 456 2.03 22.65 -14.59
C LEU A 456 1.97 21.69 -13.41
N TYR A 457 2.89 21.84 -12.46
CA TYR A 457 2.92 21.04 -11.24
C TYR A 457 2.55 21.92 -10.06
N TYR A 458 1.63 21.44 -9.22
CA TYR A 458 1.45 22.02 -7.89
C TYR A 458 2.44 21.40 -6.92
N VAL A 459 3.05 22.26 -6.07
CA VAL A 459 4.01 21.78 -5.08
C VAL A 459 3.28 21.48 -3.78
N ASN A 460 3.84 20.57 -2.99
CA ASN A 460 3.25 20.24 -1.71
C ASN A 460 3.42 21.43 -0.76
N LYS A 461 2.36 21.75 -0.02
CA LYS A 461 2.40 22.95 0.80
C LYS A 461 2.45 22.63 2.29
N GLN A 462 3.31 21.72 2.70
CA GLN A 462 3.47 21.41 4.12
C GLN A 462 4.68 22.11 4.68
N GLU A 463 4.62 22.39 5.99
CA GLU A 463 5.69 23.08 6.67
C GLU A 463 6.94 22.21 6.79
N GLY A 464 8.08 22.84 6.68
CA GLY A 464 9.36 22.17 6.82
C GLY A 464 10.40 22.95 6.07
N LYS A 465 11.62 22.93 6.60
CA LYS A 465 12.73 23.69 6.04
C LYS A 465 13.50 22.88 5.00
N SER A 466 13.88 23.56 3.91
CA SER A 466 14.73 22.98 2.89
C SER A 466 16.11 23.61 2.92
N LEU A 467 17.13 22.80 2.65
CA LEU A 467 18.50 23.29 2.54
C LEU A 467 19.02 22.95 1.16
N TYR A 468 19.58 23.94 0.49
CA TYR A 468 20.14 23.79 -0.85
C TYR A 468 21.65 23.59 -0.69
N VAL A 469 22.13 22.37 -0.97
CA VAL A 469 23.54 22.03 -0.82
C VAL A 469 24.19 22.23 -2.18
N LYS A 470 24.97 23.30 -2.31
CA LYS A 470 25.63 23.60 -3.58
C LYS A 470 26.72 22.57 -3.87
N GLY A 471 26.96 22.35 -5.15
CA GLY A 471 28.02 21.46 -5.59
C GLY A 471 28.07 21.36 -7.09
N GLU A 472 29.24 21.10 -7.65
CA GLU A 472 29.34 21.01 -9.09
C GLU A 472 28.66 19.73 -9.59
N PRO A 473 27.78 19.82 -10.58
CA PRO A 473 27.13 18.61 -11.11
C PRO A 473 28.16 17.60 -11.60
N ILE A 474 28.04 16.37 -11.13
CA ILE A 474 29.07 15.38 -11.41
C ILE A 474 29.13 15.01 -12.89
N ILE A 475 28.07 15.31 -13.65
CA ILE A 475 28.11 15.02 -15.08
C ILE A 475 29.21 15.81 -15.78
N ASN A 476 29.65 16.92 -15.19
CA ASN A 476 30.77 17.66 -15.76
C ASN A 476 32.08 16.89 -15.69
N PHE A 477 32.18 15.88 -14.84
CA PHE A 477 33.45 15.17 -14.66
C PHE A 477 33.66 14.08 -15.70
N TYR A 478 32.78 13.96 -16.70
CA TYR A 478 32.81 12.85 -17.63
C TYR A 478 33.12 13.36 -19.04
N ASP A 479 34.02 12.67 -19.72
CA ASP A 479 34.35 12.99 -21.11
C ASP A 479 33.29 12.40 -22.03
N PRO A 480 32.54 13.23 -22.75
CA PRO A 480 31.39 12.69 -23.51
C PRO A 480 31.76 11.69 -24.58
N LEU A 481 33.01 11.67 -25.03
CA LEU A 481 33.39 10.79 -26.12
C LEU A 481 33.72 9.37 -25.66
N VAL A 482 33.74 9.11 -24.36
CA VAL A 482 33.93 7.75 -23.85
C VAL A 482 32.83 7.46 -22.82
N PHE A 483 31.84 8.34 -22.76
CA PHE A 483 30.74 8.16 -21.83
C PHE A 483 29.86 7.01 -22.30
N PRO A 484 29.63 5.98 -21.49
CA PRO A 484 28.72 4.91 -21.90
C PRO A 484 27.26 5.29 -21.72
N SER A 485 26.56 5.61 -22.81
CA SER A 485 25.13 5.91 -22.70
C SER A 485 24.32 4.62 -22.73
N ASP A 486 23.02 4.75 -22.44
CA ASP A 486 22.10 3.62 -22.39
C ASP A 486 22.61 2.52 -21.47
N GLU A 487 22.92 2.90 -20.24
CA GLU A 487 23.18 1.96 -19.16
C GLU A 487 22.10 2.16 -18.11
N PHE A 488 21.40 1.10 -17.75
CA PHE A 488 20.27 1.22 -16.84
C PHE A 488 20.57 0.68 -15.45
N ASP A 489 20.88 -0.61 -15.31
CA ASP A 489 21.23 -1.20 -14.01
C ASP A 489 22.73 -1.09 -13.80
N ALA A 490 23.19 0.14 -13.58
CA ALA A 490 24.62 0.40 -13.48
C ALA A 490 24.95 1.14 -12.17
N SER A 491 26.19 1.56 -12.05
CA SER A 491 26.68 2.16 -10.82
C SER A 491 27.88 3.03 -11.15
N ILE A 492 28.27 3.83 -10.16
CA ILE A 492 29.41 4.74 -10.33
C ILE A 492 30.65 3.97 -10.75
N SER A 493 30.93 2.84 -10.08
CA SER A 493 32.14 2.09 -10.38
C SER A 493 32.05 1.40 -11.74
N GLN A 494 30.89 0.85 -12.06
CA GLN A 494 30.73 0.20 -13.37
C GLN A 494 30.95 1.18 -14.50
N VAL A 495 30.44 2.41 -14.37
CA VAL A 495 30.64 3.40 -15.42
C VAL A 495 32.13 3.74 -15.56
N ASN A 496 32.82 3.91 -14.43
CA ASN A 496 34.25 4.14 -14.48
C ASN A 496 34.98 2.96 -15.10
N GLU A 497 34.53 1.73 -14.79
CA GLU A 497 35.16 0.55 -15.35
C GLU A 497 35.08 0.55 -16.87
N LYS A 498 33.95 0.98 -17.43
CA LYS A 498 33.82 1.00 -18.88
C LYS A 498 34.61 2.17 -19.48
N ILE A 499 34.63 3.31 -18.80
CA ILE A 499 35.37 4.46 -19.32
C ILE A 499 36.86 4.14 -19.41
N ASN A 500 37.40 3.49 -18.38
CA ASN A 500 38.82 3.13 -18.41
C ASN A 500 39.10 2.10 -19.50
N GLN A 501 38.16 1.21 -19.77
CA GLN A 501 38.35 0.23 -20.85
C GLN A 501 38.32 0.91 -22.22
N SER A 502 37.44 1.90 -22.38
CA SER A 502 37.44 2.67 -23.63
C SER A 502 38.70 3.52 -23.75
N LEU A 503 39.14 4.13 -22.65
CA LEU A 503 40.36 4.92 -22.68
C LEU A 503 41.59 4.05 -22.91
N ALA A 504 41.52 2.77 -22.51
CA ALA A 504 42.63 1.87 -22.78
C ALA A 504 42.76 1.58 -24.27
N PHE A 505 41.65 1.22 -24.92
CA PHE A 505 41.65 0.88 -26.34
C PHE A 505 41.89 2.08 -27.24
N ILE A 506 42.03 3.28 -26.66
CA ILE A 506 42.32 4.48 -27.43
C ILE A 506 43.77 4.90 -27.22
#